data_3HVE
#
_entry.id   3HVE
#
_cell.length_a   46.480
_cell.length_b   55.600
_cell.length_c   120.600
_cell.angle_alpha   90.00
_cell.angle_beta   91.10
_cell.angle_gamma   90.00
#
_symmetry.space_group_name_H-M   'P 1 21 1'
#
loop_
_entity.id
_entity.type
_entity.pdbx_description
1 polymer Gigaxonin
2 polymer Gigaxonin
#
loop_
_entity_poly.entity_id
_entity_poly.type
_entity_poly.pdbx_seq_one_letter_code
_entity_poly.pdbx_strand_id
1 'polypeptide(L)'
;GS(MSE)AEGSAVSDPQHAARLLRALSSFREESRFCDAHLVLDGEEIPVQKNILAAASPYIRTKLNYNPPKDDGSTYKIE
LEGISV(MSE)V(MSE)REILDYIFSGQIRLNEDTIQDVVQAADLLLLTDLKTLCCEFLEGCIAAENCIGIRDFALHYCL
HHVHYLATEYLETHFRDVSSTEEFLELSPQKLKEVISLEKLNVGNERYVFEAVIRWIAHDTEIRKVH(MSE)KDV(MSE)
SALWVSGLDSSYLREQ(MSE)LNEPLVREIVKECSNIPLS
;
A
2 'polypeptide(L)'
;GS(MSE)AEGSAVSDPQHAARLLRALSSFREESRFCDAHLVLDGEEIPVQKNILAAASPYIRTKLNYNPPKDDGSTYKIE
LEGISV(MSE)V(MSE)REILDYIFSGQIRLNEDTIQDVVQAADLLLLTDLKTLCCEFLEGCIAAENCIGIRDFALHYCL
HHVHYLATEYLETHFRDV(UNK)(UNK)(UNK)(UNK)(UNK)(UNK)(UNK)(UNK)(UNK)(UNK)(UNK)(UNK)
(UNK)(UNK)(UNK)(UNK)(UNK)(UNK)(UNK)(UNK)(UNK)(UNK)(UNK)(UNK)(UNK)(UNK)(UNK)(UNK)
(UNK)(UNK)(UNK)(UNK)(UNK)(UNK)(UNK)(UNK)(UNK)(UNK)(UNK)(UNK)(UNK)(UNK)(UNK)(UNK)
(UNK)(UNK)KVH(MSE)KDV(MSE)SALWVSGLDSSYLREQ(MSE)LNEPLVREIVKECSNIPLS
;
B
#
# COMPACT_ATOMS: atom_id res chain seq x y z
N SER A 10 10.48 2.47 11.77
CA SER A 10 9.24 1.77 11.34
C SER A 10 8.34 2.72 10.58
N ASP A 11 7.89 2.30 9.39
CA ASP A 11 7.03 3.18 8.60
C ASP A 11 6.30 2.45 7.47
N PRO A 12 5.10 1.89 7.75
CA PRO A 12 4.26 1.16 6.78
C PRO A 12 3.83 2.05 5.61
N GLN A 13 3.93 3.36 5.81
CA GLN A 13 3.59 4.35 4.80
C GLN A 13 4.72 4.37 3.77
N HIS A 14 5.64 3.42 3.89
CA HIS A 14 6.77 3.33 2.99
C HIS A 14 6.34 3.01 1.58
N ALA A 15 5.80 1.81 1.38
CA ALA A 15 5.36 1.38 0.06
C ALA A 15 4.30 2.31 -0.55
N ALA A 16 3.28 2.66 0.22
CA ALA A 16 2.24 3.55 -0.30
C ALA A 16 2.83 4.92 -0.64
N ARG A 17 4.06 5.15 -0.20
CA ARG A 17 4.74 6.41 -0.46
C ARG A 17 5.50 6.20 -1.76
N LEU A 18 6.19 5.07 -1.81
CA LEU A 18 6.98 4.68 -2.97
C LEU A 18 6.10 4.48 -4.21
N LEU A 19 4.93 3.90 -4.00
CA LEU A 19 4.00 3.63 -5.08
C LEU A 19 3.44 4.93 -5.62
N ARG A 20 3.33 5.94 -4.78
CA ARG A 20 2.82 7.23 -5.26
C ARG A 20 3.91 7.82 -6.17
N ALA A 21 5.16 7.48 -5.88
CA ALA A 21 6.30 7.93 -6.65
C ALA A 21 6.21 7.28 -8.02
N LEU A 22 6.13 5.95 -8.04
CA LEU A 22 6.04 5.22 -9.31
C LEU A 22 4.96 5.84 -10.17
N SER A 23 3.86 6.20 -9.53
CA SER A 23 2.71 6.79 -10.18
C SER A 23 3.00 7.93 -11.16
N SER A 24 3.86 8.86 -10.80
CA SER A 24 4.15 9.98 -11.71
C SER A 24 5.10 9.66 -12.86
N PHE A 25 5.66 8.45 -12.85
CA PHE A 25 6.55 7.98 -13.91
C PHE A 25 5.62 7.30 -14.89
N ARG A 26 4.48 7.88 -15.22
CA ARG A 26 3.58 7.25 -16.18
C ARG A 26 3.87 8.07 -17.41
N GLU A 27 4.73 7.53 -18.27
CA GLU A 27 5.19 8.21 -19.49
C GLU A 27 6.45 7.52 -20.04
N ARG A 30 10.37 7.23 -21.22
CA ARG A 30 11.50 7.28 -20.27
C ARG A 30 11.48 6.07 -19.35
N PHE A 31 10.36 5.86 -18.66
CA PHE A 31 10.21 4.76 -17.72
C PHE A 31 9.27 3.69 -18.20
N CYS A 32 8.44 4.02 -19.19
CA CYS A 32 7.52 3.05 -19.74
C CYS A 32 8.29 2.18 -20.72
N ASP A 33 8.43 0.91 -20.36
CA ASP A 33 9.19 -0.05 -21.16
C ASP A 33 8.31 -0.98 -21.99
N ALA A 34 7.03 -0.65 -22.13
CA ALA A 34 6.13 -1.51 -22.88
C ALA A 34 4.89 -0.77 -23.34
N HIS A 35 3.98 -1.52 -23.94
CA HIS A 35 2.72 -0.97 -24.43
C HIS A 35 1.64 -2.04 -24.31
N LEU A 36 0.46 -1.60 -23.93
CA LEU A 36 -0.62 -2.52 -23.78
C LEU A 36 -1.45 -2.26 -25.02
N VAL A 37 -1.67 -3.31 -25.79
CA VAL A 37 -2.43 -3.23 -27.03
C VAL A 37 -3.87 -3.69 -26.80
N LEU A 38 -4.74 -2.73 -26.50
CA LEU A 38 -6.15 -2.96 -26.24
C LEU A 38 -7.02 -2.18 -27.21
N ASP A 39 -8.21 -2.71 -27.54
CA ASP A 39 -9.09 -2.05 -28.51
C ASP A 39 -8.22 -1.84 -29.76
N GLY A 40 -7.96 -0.59 -30.12
CA GLY A 40 -7.10 -0.35 -31.29
C GLY A 40 -6.02 0.63 -30.87
N GLU A 41 -5.76 0.68 -29.56
CA GLU A 41 -4.81 1.62 -29.00
C GLU A 41 -3.70 0.91 -28.25
N GLU A 42 -2.65 1.68 -27.98
CA GLU A 42 -1.49 1.22 -27.26
C GLU A 42 -1.48 2.03 -26.01
N ILE A 43 -1.04 1.43 -24.91
CA ILE A 43 -0.95 2.18 -23.67
C ILE A 43 0.41 1.92 -23.09
N PRO A 44 1.19 2.97 -22.87
CA PRO A 44 2.54 2.83 -22.31
C PRO A 44 2.44 2.43 -20.84
N VAL A 45 2.99 1.28 -20.47
CA VAL A 45 2.92 0.84 -19.09
C VAL A 45 4.31 0.46 -18.58
N GLN A 46 4.49 0.40 -17.26
CA GLN A 46 5.77 0.03 -16.68
C GLN A 46 5.63 -1.49 -16.47
N LYS A 47 6.26 -2.23 -17.36
CA LYS A 47 6.20 -3.67 -17.34
C LYS A 47 6.42 -4.36 -16.01
N ASN A 48 7.25 -3.84 -15.11
CA ASN A 48 7.46 -4.55 -13.83
C ASN A 48 6.26 -4.39 -12.89
N ILE A 49 5.84 -3.14 -12.69
CA ILE A 49 4.69 -2.83 -11.85
C ILE A 49 3.48 -3.61 -12.30
N LEU A 50 3.23 -3.66 -13.61
CA LEU A 50 2.06 -4.37 -14.12
C LEU A 50 2.29 -5.87 -13.97
N ALA A 51 3.56 -6.26 -13.98
CA ALA A 51 3.90 -7.67 -13.87
C ALA A 51 3.72 -8.13 -12.44
N ALA A 52 4.08 -7.23 -11.53
CA ALA A 52 3.97 -7.52 -10.12
C ALA A 52 2.56 -7.49 -9.54
N ALA A 53 1.52 -7.34 -10.37
CA ALA A 53 0.17 -7.30 -9.82
C ALA A 53 -0.79 -8.16 -10.60
N SER A 54 -0.34 -8.58 -11.78
CA SER A 54 -1.13 -9.38 -12.69
C SER A 54 -0.40 -10.66 -13.05
N PRO A 55 -0.68 -11.73 -12.32
CA PRO A 55 -0.03 -13.01 -12.62
C PRO A 55 -0.12 -13.34 -14.13
N TYR A 56 -1.14 -12.82 -14.80
CA TYR A 56 -1.30 -13.08 -16.23
C TYR A 56 -0.21 -12.33 -16.99
N ILE A 57 -0.17 -11.02 -16.80
CA ILE A 57 0.83 -10.22 -17.49
C ILE A 57 2.20 -10.78 -17.20
N ARG A 58 2.42 -11.25 -15.98
CA ARG A 58 3.74 -11.76 -15.61
C ARG A 58 4.20 -12.97 -16.40
N THR A 59 3.40 -14.03 -16.39
CA THR A 59 3.76 -15.23 -17.12
C THR A 59 4.01 -14.91 -18.61
N LYS A 60 3.27 -13.95 -19.17
CA LYS A 60 3.45 -13.56 -20.56
C LYS A 60 4.69 -12.70 -20.76
N LEU A 61 5.63 -12.80 -19.83
CA LEU A 61 6.86 -12.02 -19.88
C LEU A 61 8.13 -12.89 -19.81
N TYR A 73 8.36 -4.33 -25.81
CA TYR A 73 7.34 -5.37 -25.72
C TYR A 73 5.96 -4.78 -26.02
N LYS A 74 5.06 -5.64 -26.46
CA LYS A 74 3.70 -5.24 -26.75
C LYS A 74 2.85 -6.36 -26.20
N ILE A 75 2.23 -6.10 -25.06
CA ILE A 75 1.37 -7.09 -24.45
C ILE A 75 -0.02 -6.71 -24.97
N GLU A 76 -0.53 -7.52 -25.88
CA GLU A 76 -1.83 -7.25 -26.45
C GLU A 76 -2.88 -7.93 -25.58
N LEU A 77 -3.80 -7.14 -25.05
CA LEU A 77 -4.84 -7.69 -24.21
C LEU A 77 -6.03 -7.99 -25.09
N GLU A 78 -6.65 -9.14 -24.84
CA GLU A 78 -7.79 -9.58 -25.62
C GLU A 78 -9.19 -9.21 -25.06
N GLY A 79 -9.80 -8.20 -25.66
CA GLY A 79 -11.12 -7.79 -25.25
C GLY A 79 -11.34 -7.08 -23.91
N ILE A 80 -10.85 -5.85 -23.80
CA ILE A 80 -11.04 -5.02 -22.61
C ILE A 80 -11.04 -3.56 -23.06
N SER A 81 -12.14 -2.86 -22.77
CA SER A 81 -12.23 -1.47 -23.15
C SER A 81 -11.13 -0.65 -22.53
N VAL A 82 -10.50 0.13 -23.40
CA VAL A 82 -9.45 1.01 -23.00
C VAL A 82 -9.84 1.86 -21.82
N VAL A 84 -11.63 0.98 -19.18
CA VAL A 84 -11.57 0.15 -18.02
C VAL A 84 -10.11 -0.18 -17.62
N ARG A 86 -7.69 1.83 -17.81
CA ARG A 86 -7.22 3.02 -17.13
C ARG A 86 -7.72 3.00 -15.69
N GLU A 87 -8.97 2.60 -15.50
CA GLU A 87 -9.50 2.53 -14.15
C GLU A 87 -8.81 1.40 -13.43
N ILE A 88 -8.54 0.30 -14.12
CA ILE A 88 -7.84 -0.81 -13.48
C ILE A 88 -6.40 -0.39 -13.24
N LEU A 89 -5.85 0.38 -14.17
CA LEU A 89 -4.47 0.85 -14.02
C LEU A 89 -4.34 1.83 -12.89
N ASP A 90 -5.33 2.69 -12.73
CA ASP A 90 -5.28 3.65 -11.62
C ASP A 90 -5.53 2.89 -10.35
N TYR A 91 -6.40 1.89 -10.43
CA TYR A 91 -6.66 1.07 -9.28
C TYR A 91 -5.32 0.55 -8.82
N ILE A 92 -4.53 0.04 -9.75
CA ILE A 92 -3.23 -0.52 -9.38
C ILE A 92 -2.39 0.45 -8.58
N PHE A 93 -2.41 1.72 -8.93
CA PHE A 93 -1.56 2.69 -8.24
C PHE A 93 -2.08 3.30 -6.96
N SER A 94 -3.40 3.28 -6.80
CA SER A 94 -4.04 3.89 -5.66
C SER A 94 -4.57 2.94 -4.61
N GLY A 95 -5.19 1.85 -5.04
CA GLY A 95 -5.76 0.92 -4.11
C GLY A 95 -7.26 1.08 -4.09
N GLN A 96 -7.75 2.07 -4.84
CA GLN A 96 -9.19 2.31 -4.89
C GLN A 96 -9.75 2.24 -6.30
N ILE A 97 -10.80 1.45 -6.49
CA ILE A 97 -11.39 1.29 -7.81
C ILE A 97 -12.75 2.00 -7.95
N ARG A 98 -12.92 2.71 -9.06
CA ARG A 98 -14.15 3.44 -9.32
C ARG A 98 -15.21 2.54 -9.93
N LEU A 99 -16.08 2.00 -9.08
CA LEU A 99 -17.15 1.12 -9.53
C LEU A 99 -18.53 1.69 -9.22
N ASN A 100 -19.52 1.33 -10.03
CA ASN A 100 -20.88 1.82 -9.84
C ASN A 100 -21.86 1.04 -10.69
N ASP A 102 -23.61 -0.60 -13.63
CA ASP A 102 -23.51 -0.21 -15.05
C ASP A 102 -22.15 -0.55 -15.67
N THR A 103 -21.14 -0.66 -14.82
CA THR A 103 -19.79 -0.99 -15.25
C THR A 103 -19.22 -2.21 -14.53
N ILE A 104 -19.72 -2.51 -13.32
CA ILE A 104 -19.21 -3.64 -12.54
C ILE A 104 -18.74 -4.83 -13.35
N GLN A 105 -19.67 -5.45 -14.08
CA GLN A 105 -19.33 -6.63 -14.85
C GLN A 105 -18.23 -6.46 -15.89
N ASP A 106 -17.89 -5.22 -16.20
CA ASP A 106 -16.82 -4.91 -17.16
C ASP A 106 -15.50 -5.12 -16.45
N VAL A 107 -15.44 -4.61 -15.22
CA VAL A 107 -14.29 -4.69 -14.37
C VAL A 107 -14.03 -6.09 -13.82
N VAL A 108 -15.04 -6.95 -13.83
CA VAL A 108 -14.90 -8.31 -13.31
C VAL A 108 -14.34 -9.16 -14.42
N GLN A 109 -14.79 -8.89 -15.64
CA GLN A 109 -14.31 -9.66 -16.75
C GLN A 109 -12.80 -9.46 -16.85
N ALA A 110 -12.36 -8.23 -16.60
CA ALA A 110 -10.95 -7.93 -16.67
C ALA A 110 -10.23 -8.45 -15.45
N ALA A 111 -10.85 -8.35 -14.27
CA ALA A 111 -10.20 -8.85 -13.07
C ALA A 111 -9.98 -10.34 -13.30
N ASP A 112 -10.95 -10.99 -13.94
CA ASP A 112 -10.87 -12.41 -14.23
C ASP A 112 -9.67 -12.62 -15.18
N LEU A 113 -9.75 -12.09 -16.38
CA LEU A 113 -8.70 -12.22 -17.36
C LEU A 113 -7.29 -12.02 -16.81
N LEU A 114 -7.06 -10.90 -16.11
CA LEU A 114 -5.74 -10.59 -15.56
C LEU A 114 -5.40 -11.24 -14.23
N LEU A 115 -6.35 -11.98 -13.66
CA LEU A 115 -6.11 -12.65 -12.38
C LEU A 115 -5.72 -11.63 -11.30
N LEU A 116 -6.60 -10.69 -11.02
CA LEU A 116 -6.39 -9.67 -9.98
C LEU A 116 -7.34 -10.08 -8.85
N THR A 117 -6.94 -11.09 -8.07
CA THR A 117 -7.77 -11.61 -7.00
C THR A 117 -8.23 -10.49 -6.10
N ASP A 118 -7.28 -9.65 -5.73
CA ASP A 118 -7.50 -8.47 -4.91
C ASP A 118 -8.71 -7.68 -5.40
N LEU A 119 -8.57 -7.17 -6.62
CA LEU A 119 -9.60 -6.37 -7.26
C LEU A 119 -10.88 -7.20 -7.47
N LYS A 120 -10.68 -8.51 -7.70
CA LYS A 120 -11.78 -9.45 -7.92
C LYS A 120 -12.65 -9.56 -6.65
N THR A 121 -12.03 -9.40 -5.48
CA THR A 121 -12.74 -9.45 -4.22
C THR A 121 -13.55 -8.16 -4.00
N LEU A 122 -12.97 -7.00 -4.33
CA LEU A 122 -13.67 -5.73 -4.18
C LEU A 122 -14.92 -5.81 -5.05
N CYS A 123 -14.76 -6.21 -6.30
CA CYS A 123 -15.92 -6.32 -7.16
C CYS A 123 -16.95 -7.24 -6.56
N CYS A 124 -16.52 -8.27 -5.85
CA CYS A 124 -17.48 -9.18 -5.25
C CYS A 124 -18.21 -8.51 -4.09
N GLU A 125 -17.49 -7.68 -3.34
CA GLU A 125 -18.08 -6.94 -2.24
C GLU A 125 -19.14 -6.07 -2.85
N PHE A 126 -18.75 -5.26 -3.82
CA PHE A 126 -19.69 -4.38 -4.47
C PHE A 126 -20.94 -5.11 -4.98
N LEU A 127 -20.75 -6.18 -5.72
CA LEU A 127 -21.87 -6.94 -6.26
C LEU A 127 -22.84 -7.38 -5.18
N GLU A 128 -22.30 -7.74 -4.02
CA GLU A 128 -23.10 -8.16 -2.89
C GLU A 128 -24.06 -7.07 -2.41
N GLY A 129 -23.54 -5.88 -2.19
CA GLY A 129 -24.36 -4.78 -1.74
C GLY A 129 -25.41 -4.37 -2.75
N CYS A 130 -25.35 -4.90 -3.97
CA CYS A 130 -26.33 -4.55 -4.99
C CYS A 130 -27.53 -5.47 -5.01
N ILE A 131 -27.41 -6.60 -4.30
CA ILE A 131 -28.47 -7.60 -4.31
C ILE A 131 -29.79 -7.01 -3.90
N ALA A 132 -30.75 -7.09 -4.83
CA ALA A 132 -32.09 -6.59 -4.67
C ALA A 132 -32.99 -7.68 -5.19
N ALA A 133 -34.27 -7.37 -5.39
CA ALA A 133 -35.20 -8.38 -5.87
C ALA A 133 -35.23 -8.45 -7.38
N GLU A 134 -34.32 -7.74 -8.04
CA GLU A 134 -34.23 -7.76 -9.51
C GLU A 134 -32.82 -8.18 -9.90
N ASN A 135 -31.82 -7.66 -9.18
CA ASN A 135 -30.43 -8.02 -9.42
C ASN A 135 -30.22 -9.25 -8.57
N CYS A 136 -31.16 -10.17 -8.56
CA CYS A 136 -31.02 -11.32 -7.69
C CYS A 136 -30.65 -12.53 -8.51
N ILE A 137 -31.48 -12.79 -9.51
CA ILE A 137 -31.31 -13.89 -10.43
C ILE A 137 -30.15 -13.48 -11.33
N GLY A 138 -30.21 -12.25 -11.80
CA GLY A 138 -29.16 -11.74 -12.65
C GLY A 138 -27.84 -11.89 -11.95
N ILE A 139 -27.71 -11.30 -10.77
CA ILE A 139 -26.45 -11.41 -10.05
C ILE A 139 -26.05 -12.86 -9.79
N ARG A 140 -27.02 -13.76 -9.78
CA ARG A 140 -26.75 -15.15 -9.49
C ARG A 140 -26.24 -15.96 -10.69
N ASP A 141 -26.73 -15.62 -11.89
CA ASP A 141 -26.30 -16.28 -13.11
C ASP A 141 -24.87 -15.82 -13.37
N PHE A 142 -24.70 -14.52 -13.21
CA PHE A 142 -23.40 -13.90 -13.38
C PHE A 142 -22.36 -14.46 -12.42
N ALA A 143 -22.73 -14.72 -11.17
CA ALA A 143 -21.76 -15.26 -10.20
C ALA A 143 -21.36 -16.71 -10.52
N LEU A 144 -22.29 -17.45 -11.12
CA LEU A 144 -22.08 -18.84 -11.50
C LEU A 144 -21.02 -18.85 -12.57
N HIS A 145 -21.20 -17.95 -13.53
CA HIS A 145 -20.34 -17.83 -14.67
C HIS A 145 -18.90 -17.49 -14.37
N TYR A 146 -18.66 -16.44 -13.59
CA TYR A 146 -17.29 -16.08 -13.29
C TYR A 146 -16.82 -16.83 -12.08
N CYS A 147 -17.67 -17.73 -11.61
CA CYS A 147 -17.38 -18.56 -10.46
C CYS A 147 -17.19 -17.83 -9.16
N LEU A 148 -17.95 -16.77 -8.97
CA LEU A 148 -17.89 -16.00 -7.72
C LEU A 148 -18.69 -16.79 -6.67
N HIS A 149 -18.03 -17.73 -6.00
CA HIS A 149 -18.69 -18.57 -5.01
C HIS A 149 -19.58 -17.87 -3.99
N HIS A 150 -18.97 -17.16 -3.06
CA HIS A 150 -19.74 -16.45 -2.03
C HIS A 150 -20.83 -15.51 -2.60
N VAL A 151 -20.57 -14.89 -3.74
CA VAL A 151 -21.54 -13.98 -4.32
C VAL A 151 -22.73 -14.80 -4.73
N HIS A 152 -22.46 -15.98 -5.27
CA HIS A 152 -23.55 -16.84 -5.72
C HIS A 152 -24.33 -17.31 -4.49
N TYR A 153 -23.61 -17.59 -3.41
CA TYR A 153 -24.25 -18.01 -2.18
C TYR A 153 -25.27 -16.95 -1.74
N LEU A 154 -24.80 -15.75 -1.46
CA LEU A 154 -25.66 -14.66 -1.04
C LEU A 154 -26.86 -14.43 -1.94
N ALA A 155 -26.64 -14.35 -3.25
CA ALA A 155 -27.77 -14.13 -4.14
C ALA A 155 -28.68 -15.34 -4.16
N THR A 156 -28.14 -16.51 -3.89
CA THR A 156 -29.01 -17.68 -3.92
C THR A 156 -29.91 -17.52 -2.74
N GLU A 157 -29.28 -17.20 -1.63
CA GLU A 157 -29.97 -17.01 -0.38
C GLU A 157 -31.09 -15.96 -0.41
N TYR A 158 -30.78 -14.78 -0.95
CA TYR A 158 -31.74 -13.70 -1.02
C TYR A 158 -32.94 -14.27 -1.74
N LEU A 159 -32.68 -14.81 -2.92
CA LEU A 159 -33.72 -15.40 -3.72
C LEU A 159 -34.58 -16.31 -2.83
N GLU A 160 -33.93 -17.23 -2.11
CA GLU A 160 -34.64 -18.17 -1.22
C GLU A 160 -35.49 -17.55 -0.15
N THR A 161 -34.96 -16.52 0.52
CA THR A 161 -35.70 -15.88 1.59
C THR A 161 -36.53 -14.69 1.15
N HIS A 162 -36.60 -14.44 -0.14
CA HIS A 162 -37.33 -13.29 -0.69
C HIS A 162 -38.12 -13.66 -1.92
N PHE A 163 -38.29 -14.96 -2.16
CA PHE A 163 -38.99 -15.42 -3.35
C PHE A 163 -40.27 -14.67 -3.63
N ARG A 164 -41.13 -14.58 -2.62
CA ARG A 164 -42.41 -13.90 -2.74
C ARG A 164 -42.33 -12.61 -3.56
N ASP A 165 -41.35 -11.78 -3.22
CA ASP A 165 -41.16 -10.50 -3.92
C ASP A 165 -40.59 -10.73 -5.32
N VAL A 166 -39.48 -11.48 -5.41
CA VAL A 166 -38.87 -11.76 -6.69
C VAL A 166 -39.93 -12.14 -7.70
N SER A 167 -40.94 -12.90 -7.24
CA SER A 167 -42.04 -13.33 -8.11
C SER A 167 -42.56 -12.18 -8.95
N SER A 168 -42.50 -10.98 -8.38
CA SER A 168 -43.00 -9.78 -9.05
C SER A 168 -41.89 -9.02 -9.78
N THR A 169 -40.92 -9.76 -10.30
CA THR A 169 -39.79 -9.15 -11.00
C THR A 169 -39.70 -9.54 -12.46
N GLU A 170 -39.39 -8.55 -13.31
CA GLU A 170 -39.27 -8.75 -14.74
C GLU A 170 -38.15 -9.75 -15.02
N GLU A 171 -37.16 -9.80 -14.13
CA GLU A 171 -36.06 -10.74 -14.29
C GLU A 171 -36.59 -12.16 -14.17
N PHE A 172 -37.49 -12.36 -13.20
CA PHE A 172 -38.10 -13.67 -12.94
C PHE A 172 -39.22 -14.03 -13.91
N LEU A 173 -39.89 -13.01 -14.45
CA LEU A 173 -40.99 -13.23 -15.37
C LEU A 173 -40.57 -13.53 -16.81
N GLU A 174 -39.77 -12.66 -17.41
CA GLU A 174 -39.34 -12.88 -18.80
C GLU A 174 -38.25 -13.95 -18.83
N LEU A 175 -38.11 -14.63 -17.70
CA LEU A 175 -37.16 -15.71 -17.50
C LEU A 175 -37.44 -16.86 -18.46
N SER A 176 -36.58 -17.86 -18.45
CA SER A 176 -36.73 -19.04 -19.29
C SER A 176 -37.40 -20.15 -18.48
N PRO A 177 -38.17 -21.03 -19.14
CA PRO A 177 -38.87 -22.13 -18.49
C PRO A 177 -37.90 -23.13 -17.86
N GLN A 178 -36.69 -23.18 -18.40
CA GLN A 178 -35.68 -24.10 -17.87
C GLN A 178 -35.02 -23.46 -16.65
N LYS A 179 -34.97 -22.13 -16.62
CA LYS A 179 -34.38 -21.42 -15.50
C LYS A 179 -35.37 -21.37 -14.34
N LEU A 180 -36.64 -21.12 -14.66
CA LEU A 180 -37.70 -21.05 -13.69
C LEU A 180 -37.84 -22.38 -12.99
N LYS A 181 -37.51 -23.45 -13.69
CA LYS A 181 -37.60 -24.81 -13.14
C LYS A 181 -36.55 -25.03 -12.06
N GLU A 182 -35.42 -24.33 -12.16
CA GLU A 182 -34.38 -24.48 -11.16
C GLU A 182 -34.59 -23.45 -10.07
N VAL A 183 -35.21 -22.33 -10.42
CA VAL A 183 -35.46 -21.29 -9.44
C VAL A 183 -36.43 -21.80 -8.41
N ILE A 184 -37.41 -22.58 -8.85
CA ILE A 184 -38.41 -23.16 -7.95
C ILE A 184 -37.77 -24.28 -7.14
N SER A 185 -36.81 -24.98 -7.76
CA SER A 185 -36.07 -26.07 -7.13
C SER A 185 -35.66 -25.68 -5.72
N LEU A 186 -34.76 -24.71 -5.61
CA LEU A 186 -34.29 -24.25 -4.31
C LEU A 186 -35.50 -24.06 -3.40
N GLU A 187 -35.42 -24.63 -2.20
CA GLU A 187 -36.50 -24.53 -1.20
C GLU A 187 -36.88 -23.08 -0.88
N ARG A 195 -48.18 -22.85 -2.94
CA ARG A 195 -48.92 -21.60 -2.83
C ARG A 195 -48.07 -20.44 -3.32
N TYR A 196 -47.06 -20.07 -2.54
CA TYR A 196 -46.18 -18.95 -2.91
C TYR A 196 -45.44 -19.26 -4.22
N VAL A 197 -45.21 -20.54 -4.48
CA VAL A 197 -44.51 -20.96 -5.69
C VAL A 197 -45.54 -21.24 -6.79
N PHE A 198 -46.54 -22.05 -6.47
CA PHE A 198 -47.59 -22.36 -7.44
C PHE A 198 -48.21 -21.07 -7.94
N GLU A 199 -48.09 -20.00 -7.16
CA GLU A 199 -48.65 -18.72 -7.54
C GLU A 199 -47.56 -17.81 -8.07
N ALA A 200 -46.58 -18.40 -8.74
CA ALA A 200 -45.48 -17.63 -9.31
C ALA A 200 -45.29 -18.23 -10.69
N VAL A 201 -45.57 -19.52 -10.80
CA VAL A 201 -45.48 -20.19 -12.08
C VAL A 201 -46.67 -19.77 -12.93
N ILE A 202 -47.80 -19.58 -12.26
CA ILE A 202 -49.02 -19.15 -12.95
C ILE A 202 -48.89 -17.68 -13.28
N ARG A 203 -48.11 -16.96 -12.47
CA ARG A 203 -47.92 -15.54 -12.70
C ARG A 203 -46.90 -15.39 -13.83
N TRP A 204 -46.16 -16.46 -14.09
CA TRP A 204 -45.14 -16.46 -15.13
C TRP A 204 -45.75 -16.44 -16.54
N ILE A 205 -47.05 -16.60 -16.62
CA ILE A 205 -47.69 -16.58 -17.92
C ILE A 205 -48.22 -15.16 -18.24
N ALA A 206 -47.35 -14.38 -18.90
CA ALA A 206 -47.65 -13.01 -19.33
C ALA A 206 -48.31 -13.13 -20.69
N HIS A 207 -47.70 -13.96 -21.53
CA HIS A 207 -48.22 -14.23 -22.87
C HIS A 207 -48.81 -15.63 -22.80
N GLU A 210 -50.68 -16.77 -24.69
CA GLU A 210 -50.58 -17.24 -26.06
C GLU A 210 -49.23 -17.91 -26.32
N ILE A 211 -48.24 -17.57 -25.49
CA ILE A 211 -46.89 -18.13 -25.64
C ILE A 211 -46.55 -19.10 -24.50
N ARG A 212 -46.64 -18.60 -23.27
CA ARG A 212 -46.34 -19.42 -22.11
C ARG A 212 -47.58 -20.16 -21.61
N LYS A 213 -48.68 -20.01 -22.34
CA LYS A 213 -49.93 -20.67 -21.98
C LYS A 213 -49.98 -22.09 -22.53
N VAL A 214 -48.92 -22.86 -22.27
CA VAL A 214 -48.84 -24.23 -22.74
C VAL A 214 -48.66 -25.20 -21.58
N HIS A 215 -47.78 -24.85 -20.64
CA HIS A 215 -47.51 -25.69 -19.48
C HIS A 215 -48.61 -25.65 -18.43
N LYS A 217 -51.15 -26.88 -18.16
CA LYS A 217 -51.77 -28.18 -17.91
C LYS A 217 -50.88 -28.89 -16.92
N ASP A 218 -49.57 -28.72 -17.09
CA ASP A 218 -48.59 -29.34 -16.21
C ASP A 218 -48.74 -28.78 -14.81
N VAL A 219 -49.16 -27.52 -14.73
CA VAL A 219 -49.36 -26.88 -13.43
C VAL A 219 -50.62 -27.44 -12.78
N SER A 221 -51.96 -30.05 -13.14
CA SER A 221 -51.75 -31.45 -12.85
C SER A 221 -50.95 -31.59 -11.56
N ALA A 222 -49.97 -30.69 -11.38
CA ALA A 222 -49.13 -30.69 -10.19
C ALA A 222 -49.99 -30.20 -9.03
N LEU A 223 -50.89 -29.27 -9.33
CA LEU A 223 -51.78 -28.72 -8.33
C LEU A 223 -52.62 -29.79 -7.66
N TRP A 224 -53.12 -30.72 -8.47
CA TRP A 224 -53.95 -31.82 -7.96
C TRP A 224 -53.13 -32.63 -6.98
N VAL A 225 -51.94 -33.04 -7.40
CA VAL A 225 -51.07 -33.84 -6.54
C VAL A 225 -50.82 -33.16 -5.20
N SER A 226 -50.42 -31.89 -5.23
CA SER A 226 -50.16 -31.17 -3.99
C SER A 226 -51.42 -31.11 -3.14
N GLY A 227 -52.56 -30.92 -3.78
CA GLY A 227 -53.80 -30.87 -3.03
C GLY A 227 -54.04 -32.22 -2.35
N LEU A 228 -53.17 -33.18 -2.62
CA LEU A 228 -53.36 -34.50 -2.00
C LEU A 228 -52.90 -34.42 -0.57
N ASP A 229 -51.68 -33.91 -0.38
CA ASP A 229 -51.06 -33.76 0.94
C ASP A 229 -51.63 -32.54 1.64
N SER A 231 -54.49 -30.05 1.59
CA SER A 231 -55.69 -29.44 1.01
C SER A 231 -55.71 -27.93 1.25
N TYR A 232 -56.86 -27.30 1.01
CA TYR A 232 -57.01 -25.85 1.20
C TYR A 232 -56.14 -25.06 0.24
N LEU A 233 -55.45 -25.76 -0.66
CA LEU A 233 -54.59 -25.11 -1.62
C LEU A 233 -55.38 -24.76 -2.89
N ARG A 234 -56.35 -25.61 -3.25
CA ARG A 234 -57.20 -25.35 -4.44
C ARG A 234 -57.94 -24.06 -4.22
N GLU A 235 -58.54 -23.93 -3.04
CA GLU A 235 -59.28 -22.73 -2.69
C GLU A 235 -58.39 -21.50 -2.60
N GLN A 236 -57.31 -21.58 -1.84
CA GLN A 236 -56.43 -20.43 -1.69
C GLN A 236 -55.97 -19.85 -3.02
N LEU A 238 -57.82 -20.39 -6.31
CA LEU A 238 -59.02 -19.97 -7.02
C LEU A 238 -59.66 -18.71 -6.43
N ASN A 239 -59.02 -18.12 -5.43
CA ASN A 239 -59.53 -16.90 -4.82
C ASN A 239 -58.82 -15.70 -5.42
N GLU A 240 -58.12 -15.91 -6.53
CA GLU A 240 -57.38 -14.83 -7.13
C GLU A 240 -57.55 -14.75 -8.63
N PRO A 241 -57.08 -13.66 -9.26
CA PRO A 241 -57.17 -13.45 -10.72
C PRO A 241 -56.41 -14.53 -11.50
N LEU A 242 -56.13 -15.63 -10.82
CA LEU A 242 -55.46 -16.76 -11.45
C LEU A 242 -56.56 -17.32 -12.35
N VAL A 243 -57.81 -17.16 -11.91
CA VAL A 243 -58.98 -17.62 -12.64
C VAL A 243 -58.86 -17.30 -14.14
N ARG A 244 -58.34 -16.12 -14.45
CA ARG A 244 -58.18 -15.70 -15.84
C ARG A 244 -57.39 -16.74 -16.64
N GLU A 245 -56.21 -17.12 -16.15
CA GLU A 245 -55.38 -18.09 -16.83
C GLU A 245 -55.97 -19.50 -16.67
N ILE A 246 -56.70 -19.72 -15.59
CA ILE A 246 -57.34 -21.00 -15.31
C ILE A 246 -58.47 -21.25 -16.32
N VAL A 247 -59.34 -20.26 -16.45
CA VAL A 247 -60.48 -20.31 -17.38
C VAL A 247 -60.04 -20.88 -18.72
N LYS A 248 -59.16 -20.14 -19.40
CA LYS A 248 -58.64 -20.56 -20.69
C LYS A 248 -57.70 -21.77 -20.55
N GLU A 249 -58.26 -22.96 -20.71
CA GLU A 249 -57.50 -24.21 -20.62
C GLU A 249 -58.43 -25.42 -20.44
N ASP B 11 -7.82 0.12 1.37
CA ASP B 11 -7.09 -1.14 1.70
C ASP B 11 -5.60 -0.87 1.79
N PRO B 12 -5.14 -0.39 2.95
CA PRO B 12 -3.72 -0.08 3.16
C PRO B 12 -2.80 -1.22 2.71
N GLN B 13 -3.43 -2.39 2.51
CA GLN B 13 -2.79 -3.64 2.08
C GLN B 13 -2.64 -3.66 0.58
N HIS B 14 -2.31 -2.55 -0.07
CA HIS B 14 -2.18 -2.60 -1.50
C HIS B 14 -0.72 -2.43 -1.76
N ALA B 15 -0.26 -1.20 -1.66
CA ALA B 15 1.13 -0.90 -1.90
C ALA B 15 2.10 -1.91 -1.31
N ALA B 16 1.78 -2.42 -0.13
CA ALA B 16 2.65 -3.38 0.55
C ALA B 16 2.66 -4.76 -0.11
N ARG B 17 1.53 -5.24 -0.61
CA ARG B 17 1.50 -6.52 -1.30
C ARG B 17 2.23 -6.32 -2.62
N LEU B 18 1.88 -5.23 -3.30
CA LEU B 18 2.47 -4.85 -4.57
C LEU B 18 4.00 -4.70 -4.42
N LEU B 19 4.43 -4.01 -3.38
CA LEU B 19 5.86 -3.83 -3.19
C LEU B 19 6.54 -5.17 -2.85
N ARG B 20 5.76 -6.09 -2.28
CA ARG B 20 6.24 -7.42 -1.89
C ARG B 20 6.60 -8.18 -3.18
N ALA B 21 5.62 -8.28 -4.08
CA ALA B 21 5.80 -8.94 -5.36
C ALA B 21 6.99 -8.33 -6.13
N LEU B 22 7.07 -7.01 -6.14
CA LEU B 22 8.18 -6.37 -6.86
C LEU B 22 9.51 -6.78 -6.25
N SER B 23 9.48 -7.11 -4.96
CA SER B 23 10.69 -7.50 -4.26
C SER B 23 11.13 -8.90 -4.67
N SER B 24 10.20 -9.68 -5.21
CA SER B 24 10.50 -11.04 -5.63
C SER B 24 11.07 -11.06 -7.05
N PHE B 25 11.30 -9.87 -7.59
CA PHE B 25 11.89 -9.73 -8.91
C PHE B 25 13.33 -9.31 -8.81
N ARG B 26 13.76 -8.95 -7.62
CA ARG B 26 15.14 -8.48 -7.39
C ARG B 26 16.18 -9.41 -8.00
N GLU B 27 15.78 -10.65 -8.27
CA GLU B 27 16.66 -11.65 -8.89
C GLU B 27 17.08 -11.23 -10.31
N ARG B 30 15.33 -10.71 -15.11
CA ARG B 30 14.40 -10.42 -16.20
C ARG B 30 13.86 -8.99 -16.17
N PHE B 31 13.62 -8.45 -14.97
CA PHE B 31 13.07 -7.11 -14.85
C PHE B 31 14.05 -5.97 -14.58
N CYS B 32 15.34 -6.28 -14.53
CA CYS B 32 16.34 -5.26 -14.28
C CYS B 32 16.73 -4.59 -15.58
N ASP B 33 16.26 -3.37 -15.76
CA ASP B 33 16.53 -2.61 -16.97
C ASP B 33 17.83 -1.82 -16.87
N ALA B 34 18.49 -1.91 -15.72
CA ALA B 34 19.75 -1.19 -15.53
C ALA B 34 20.69 -1.89 -14.55
N HIS B 35 21.98 -1.53 -14.67
CA HIS B 35 23.05 -2.09 -13.82
C HIS B 35 23.69 -1.01 -12.96
N LEU B 36 23.86 -1.31 -11.68
CA LEU B 36 24.44 -0.37 -10.74
C LEU B 36 25.87 -0.76 -10.42
N VAL B 37 26.79 0.20 -10.49
CA VAL B 37 28.20 -0.05 -10.19
C VAL B 37 28.56 0.60 -8.86
N GLU B 41 29.28 -4.52 -9.87
CA GLU B 41 27.89 -4.41 -10.30
C GLU B 41 26.97 -5.07 -9.31
N PRO B 44 22.74 -3.96 -10.85
CA PRO B 44 21.77 -5.04 -11.11
C PRO B 44 20.47 -4.64 -10.41
N VAL B 45 19.73 -3.72 -11.04
CA VAL B 45 18.52 -3.21 -10.44
C VAL B 45 17.34 -2.97 -11.38
N GLN B 46 16.27 -2.42 -10.81
CA GLN B 46 15.04 -2.06 -11.51
C GLN B 46 14.97 -0.53 -11.50
N LYS B 47 15.35 0.07 -12.62
CA LYS B 47 15.36 1.51 -12.85
C LYS B 47 14.24 2.39 -12.31
N ASN B 48 12.99 2.07 -12.63
CA ASN B 48 11.91 2.91 -12.16
C ASN B 48 11.84 2.92 -10.64
N ILE B 49 11.86 1.74 -10.03
CA ILE B 49 11.79 1.63 -8.56
C ILE B 49 12.80 2.58 -7.90
N LEU B 50 14.08 2.35 -8.18
CA LEU B 50 15.17 3.13 -7.61
C LEU B 50 15.08 4.61 -7.89
N ALA B 51 14.52 4.95 -9.05
CA ALA B 51 14.37 6.36 -9.45
C ALA B 51 13.18 6.99 -8.71
N ALA B 52 12.29 6.16 -8.20
CA ALA B 52 11.15 6.66 -7.48
C ALA B 52 11.53 6.85 -6.03
N ALA B 53 12.58 6.14 -5.61
CA ALA B 53 13.07 6.20 -4.24
C ALA B 53 14.23 7.17 -4.10
N SER B 54 15.00 7.36 -5.17
CA SER B 54 16.14 8.26 -5.11
C SER B 54 16.18 9.35 -6.17
N PRO B 55 15.81 10.58 -5.80
CA PRO B 55 15.81 11.73 -6.70
C PRO B 55 17.18 11.87 -7.34
N TYR B 56 18.20 11.55 -6.55
CA TYR B 56 19.56 11.62 -7.01
C TYR B 56 19.73 10.70 -8.22
N ILE B 57 19.34 9.44 -8.04
CA ILE B 57 19.44 8.47 -9.12
C ILE B 57 18.46 8.81 -10.23
N ARG B 58 17.40 9.53 -9.86
CA ARG B 58 16.39 9.92 -10.81
C ARG B 58 17.00 10.83 -11.88
N THR B 59 17.90 11.71 -11.49
CA THR B 59 18.51 12.63 -12.45
C THR B 59 19.64 12.06 -13.31
N LYS B 60 20.20 10.93 -12.91
CA LYS B 60 21.27 10.31 -13.69
C LYS B 60 20.65 9.41 -14.76
N LEU B 61 19.32 9.43 -14.81
CA LEU B 61 18.48 8.67 -15.73
C LEU B 61 18.09 7.31 -15.12
N TYR B 73 21.75 0.56 -19.05
CA TYR B 73 22.30 1.67 -18.29
C TYR B 73 23.25 1.19 -17.20
N LYS B 74 24.14 2.10 -16.81
CA LYS B 74 25.11 1.85 -15.76
C LYS B 74 25.14 3.13 -14.93
N ILE B 75 24.48 3.11 -13.78
CA ILE B 75 24.47 4.26 -12.90
C ILE B 75 25.60 4.03 -11.91
N GLU B 76 26.67 4.79 -12.07
CA GLU B 76 27.84 4.64 -11.22
C GLU B 76 27.76 5.48 -9.95
N LEU B 77 27.86 4.84 -8.79
CA LEU B 77 27.74 5.60 -7.56
C LEU B 77 29.03 6.09 -6.94
N GLU B 78 28.92 7.27 -6.36
CA GLU B 78 30.07 7.93 -5.79
C GLU B 78 30.32 7.89 -4.28
N GLY B 79 31.23 7.03 -3.84
CA GLY B 79 31.57 7.02 -2.43
C GLY B 79 30.77 6.34 -1.33
N ILE B 80 30.09 5.25 -1.65
CA ILE B 80 29.38 4.47 -0.64
C ILE B 80 29.87 3.11 -1.09
N SER B 81 29.96 2.16 -0.18
CA SER B 81 30.42 0.83 -0.55
C SER B 81 29.25 -0.04 -0.98
N VAL B 82 29.53 -1.29 -1.33
CA VAL B 82 28.49 -2.21 -1.76
C VAL B 82 27.64 -2.65 -0.58
N VAL B 84 26.91 -1.05 2.02
CA VAL B 84 26.03 0.08 2.34
C VAL B 84 24.92 0.22 1.31
N ARG B 86 23.74 -2.01 -0.73
CA ARG B 86 22.84 -3.15 -0.62
C ARG B 86 21.96 -3.01 0.61
N GLU B 87 22.27 -2.04 1.46
CA GLU B 87 21.50 -1.79 2.66
C GLU B 87 20.32 -0.87 2.37
N ILE B 88 20.60 0.23 1.67
CA ILE B 88 19.55 1.17 1.30
C ILE B 88 18.63 0.53 0.29
N LEU B 89 19.24 -0.21 -0.63
CA LEU B 89 18.51 -0.90 -1.68
C LEU B 89 17.48 -1.84 -1.08
N ASP B 90 17.78 -2.36 0.10
CA ASP B 90 16.85 -3.28 0.73
C ASP B 90 15.79 -2.54 1.56
N TYR B 91 16.17 -1.40 2.12
CA TYR B 91 15.24 -0.60 2.90
C TYR B 91 14.14 -0.22 1.91
N ILE B 92 14.56 0.06 0.68
CA ILE B 92 13.63 0.45 -0.36
C ILE B 92 12.49 -0.54 -0.61
N PHE B 93 12.79 -1.84 -0.59
CA PHE B 93 11.75 -2.82 -0.83
C PHE B 93 11.10 -3.35 0.43
N SER B 94 11.65 -3.00 1.59
CA SER B 94 11.13 -3.50 2.86
C SER B 94 10.45 -2.48 3.77
N GLY B 95 10.90 -1.23 3.72
CA GLY B 95 10.29 -0.22 4.56
C GLY B 95 11.11 0.17 5.79
N GLN B 96 11.98 -0.72 6.24
CA GLN B 96 12.77 -0.41 7.41
C GLN B 96 14.16 -1.03 7.45
N ILE B 97 15.14 -0.20 7.79
CA ILE B 97 16.54 -0.61 7.94
C ILE B 97 16.70 -0.88 9.44
N ARG B 98 17.73 -1.65 9.78
CA ARG B 98 18.01 -1.96 11.18
C ARG B 98 19.44 -1.48 11.42
N LEU B 99 19.60 -0.17 11.55
CA LEU B 99 20.92 0.43 11.75
C LEU B 99 20.82 1.79 12.43
N GLU B 101 24.10 -0.74 15.68
CA GLU B 101 23.51 -0.02 14.57
C GLU B 101 24.42 1.11 14.08
N ASP B 102 25.60 1.21 14.67
CA ASP B 102 26.55 2.25 14.28
C ASP B 102 27.05 2.01 12.84
N ILE B 104 25.86 4.65 11.59
CA ILE B 104 24.99 5.68 11.02
C ILE B 104 25.77 6.70 10.19
N GLN B 105 26.97 7.06 10.65
CA GLN B 105 27.81 8.04 9.95
C GLN B 105 27.89 7.79 8.45
N ASP B 106 27.49 6.60 8.03
CA ASP B 106 27.52 6.28 6.62
C ASP B 106 26.10 6.10 6.08
N VAL B 107 25.21 5.53 6.88
CA VAL B 107 23.83 5.35 6.44
C VAL B 107 23.31 6.74 6.08
N VAL B 108 23.66 7.72 6.90
CA VAL B 108 23.26 9.11 6.66
C VAL B 108 24.18 9.69 5.59
N GLN B 109 25.38 9.16 5.52
CA GLN B 109 26.36 9.60 4.54
C GLN B 109 25.72 9.42 3.19
N ALA B 110 25.00 8.30 3.05
CA ALA B 110 24.32 7.90 1.82
C ALA B 110 22.97 8.58 1.62
N ALA B 111 22.12 8.53 2.63
CA ALA B 111 20.82 9.15 2.54
C ALA B 111 20.93 10.56 1.99
N ASP B 112 21.76 11.37 2.60
CA ASP B 112 21.93 12.74 2.14
C ASP B 112 22.39 12.70 0.68
N LEU B 113 23.20 11.71 0.34
CA LEU B 113 23.71 11.57 -1.01
C LEU B 113 22.62 11.20 -2.02
N LEU B 114 21.89 10.11 -1.71
CA LEU B 114 20.81 9.61 -2.58
C LEU B 114 19.51 10.41 -2.41
N LEU B 115 19.55 11.39 -1.51
CA LEU B 115 18.39 12.22 -1.26
C LEU B 115 17.20 11.46 -0.68
N LEU B 116 17.48 10.27 -0.12
CA LEU B 116 16.44 9.49 0.54
C LEU B 116 16.21 10.38 1.73
N THR B 117 15.04 11.01 1.77
CA THR B 117 14.70 11.95 2.81
C THR B 117 14.19 11.21 4.05
N ASP B 118 13.06 10.53 3.93
CA ASP B 118 12.48 9.79 5.06
C ASP B 118 13.43 8.79 5.69
N LEU B 119 14.44 8.36 4.94
CA LEU B 119 15.43 7.42 5.47
C LEU B 119 16.27 8.21 6.45
N LYS B 120 16.61 9.44 6.06
CA LYS B 120 17.41 10.30 6.92
C LYS B 120 16.60 10.67 8.15
N THR B 121 15.28 10.75 7.99
CA THR B 121 14.40 11.06 9.12
C THR B 121 14.40 9.87 10.09
N LEU B 122 14.39 8.67 9.55
CA LEU B 122 14.42 7.52 10.41
C LEU B 122 15.75 7.55 11.15
N CYS B 123 16.80 7.95 10.44
CA CYS B 123 18.13 8.05 11.05
C CYS B 123 18.10 9.12 12.14
N CYS B 124 17.50 10.26 11.85
CA CYS B 124 17.41 11.33 12.83
C CYS B 124 16.76 10.83 14.11
N GLU B 125 15.65 10.13 13.98
CA GLU B 125 14.97 9.62 15.15
C GLU B 125 15.95 8.78 15.94
N PHE B 126 16.73 7.96 15.22
CA PHE B 126 17.71 7.09 15.87
C PHE B 126 18.85 7.84 16.56
N LEU B 127 19.16 9.05 16.08
CA LEU B 127 20.23 9.85 16.66
C LEU B 127 19.66 10.73 17.76
N GLU B 128 18.65 11.50 17.38
CA GLU B 128 17.97 12.40 18.28
C GLU B 128 17.81 11.77 19.68
N GLY B 129 17.59 10.45 19.73
CA GLY B 129 17.45 9.78 21.01
C GLY B 129 18.65 8.92 21.41
N CYS B 130 19.82 9.25 20.89
CA CYS B 130 21.04 8.51 21.21
C CYS B 130 22.02 9.39 21.96
N ILE B 131 21.52 10.53 22.44
CA ILE B 131 22.35 11.48 23.18
C ILE B 131 22.85 10.86 24.48
N ALA B 132 24.03 11.27 24.91
CA ALA B 132 24.65 10.79 26.14
C ALA B 132 26.15 10.61 25.99
N ASN B 135 29.44 9.95 23.22
CA ASN B 135 28.73 10.06 21.94
C ASN B 135 27.61 11.11 22.01
N CYS B 136 27.89 12.21 22.70
CA CYS B 136 26.90 13.27 22.81
C CYS B 136 27.43 14.57 22.23
N ILE B 137 28.76 14.68 22.13
CA ILE B 137 29.38 15.87 21.60
C ILE B 137 29.61 15.73 20.10
N GLY B 138 30.13 14.58 19.69
CA GLY B 138 30.39 14.33 18.28
C GLY B 138 29.12 14.38 17.48
N ILE B 139 28.02 14.01 18.13
CA ILE B 139 26.73 14.03 17.49
C ILE B 139 26.45 15.46 17.05
N ARG B 140 26.36 16.37 18.02
CA ARG B 140 26.08 17.78 17.72
C ARG B 140 26.95 18.34 16.59
N ASP B 141 28.13 17.74 16.40
CA ASP B 141 29.04 18.18 15.37
C ASP B 141 28.84 17.37 14.08
N PHE B 142 28.19 16.21 14.21
CA PHE B 142 27.88 15.34 13.08
C PHE B 142 26.60 15.87 12.43
N ALA B 143 25.66 16.27 13.28
CA ALA B 143 24.39 16.80 12.82
C ALA B 143 24.61 18.11 12.08
N LEU B 144 25.72 18.78 12.40
CA LEU B 144 26.05 20.05 11.76
C LEU B 144 26.51 19.83 10.32
N HIS B 145 27.53 18.99 10.17
CA HIS B 145 28.08 18.67 8.85
C HIS B 145 26.99 18.16 7.90
N TYR B 146 25.87 17.75 8.47
CA TYR B 146 24.75 17.23 7.69
C TYR B 146 23.50 18.08 7.76
N CYS B 147 23.66 19.31 8.22
CA CYS B 147 22.55 20.25 8.34
C CYS B 147 21.27 19.67 8.96
N LEU B 148 21.44 18.80 9.96
CA LEU B 148 20.31 18.22 10.67
C LEU B 148 19.91 19.10 11.85
N HIS B 150 17.01 19.92 14.03
CA HIS B 150 16.26 19.69 15.24
C HIS B 150 17.25 18.82 16.00
N VAL B 151 17.90 17.90 15.28
CA VAL B 151 18.80 16.97 15.91
C VAL B 151 19.87 17.77 16.62
N HIS B 152 20.34 18.82 15.97
CA HIS B 152 21.35 19.72 16.51
C HIS B 152 20.76 20.38 17.75
N TYR B 153 19.64 21.08 17.56
CA TYR B 153 18.95 21.76 18.67
C TYR B 153 18.80 20.82 19.86
N LEU B 154 18.63 19.53 19.59
CA LEU B 154 18.46 18.54 20.65
C LEU B 154 19.79 18.03 21.18
N ALA B 155 20.88 18.48 20.59
CA ALA B 155 22.20 18.07 21.02
C ALA B 155 22.81 19.19 21.88
N THR B 156 22.61 20.43 21.45
CA THR B 156 23.12 21.56 22.18
C THR B 156 22.45 21.63 23.55
N GLU B 157 21.17 21.25 23.61
CA GLU B 157 20.41 21.31 24.86
C GLU B 157 20.69 20.18 25.86
N TYR B 158 21.68 19.35 25.59
CA TYR B 158 22.04 18.29 26.52
C TYR B 158 23.41 18.68 27.01
N LEU B 159 24.18 19.25 26.09
CA LEU B 159 25.52 19.73 26.37
C LEU B 159 25.37 21.05 27.11
N GLU B 160 24.47 21.89 26.63
CA GLU B 160 24.30 23.18 27.26
C GLU B 160 23.99 23.07 28.76
N THR B 161 23.39 21.96 29.17
CA THR B 161 23.00 21.70 30.55
C THR B 161 23.84 20.78 31.45
N HIS B 162 24.26 19.65 30.89
CA HIS B 162 25.04 18.66 31.62
C HIS B 162 26.54 18.88 31.40
N PHE B 163 26.90 20.08 30.95
CA PHE B 163 28.30 20.41 30.70
C PHE B 163 29.19 19.95 31.84
N ARG B 164 28.58 19.64 32.98
CA ARG B 164 29.31 19.19 34.14
C ARG B 164 29.87 17.78 33.93
N ASP B 165 29.00 16.79 33.85
CA ASP B 165 29.43 15.41 33.63
C ASP B 165 30.06 15.27 32.24
N VAL B 166 29.68 16.17 31.34
CA VAL B 166 30.20 16.18 29.97
C VAL B 166 31.72 16.35 30.04
N UNK B 167 32.15 17.17 31.00
CA UNK B 167 33.56 17.46 31.22
C UNK B 167 34.30 16.19 31.62
N UNK B 168 33.55 15.25 32.19
CA UNK B 168 34.10 13.97 32.62
C UNK B 168 33.96 12.92 31.51
N UNK B 169 33.94 13.36 30.26
CA UNK B 169 33.81 12.47 29.10
C UNK B 169 35.10 12.37 28.31
N UNK B 170 35.26 11.28 27.57
CA UNK B 170 36.45 11.04 26.76
C UNK B 170 36.52 11.94 25.53
N UNK B 171 35.36 12.24 24.96
CA UNK B 171 35.32 13.10 23.78
C UNK B 171 35.80 14.51 24.14
N UNK B 172 35.16 15.10 25.15
CA UNK B 172 35.52 16.45 25.62
C UNK B 172 36.93 16.50 26.20
N UNK B 173 37.40 15.37 26.73
CA UNK B 173 38.73 15.28 27.31
C UNK B 173 39.73 15.11 26.17
N UNK B 174 39.22 14.79 24.99
CA UNK B 174 40.07 14.62 23.82
C UNK B 174 39.73 15.69 22.79
N UNK B 175 38.92 16.65 23.22
CA UNK B 175 38.47 17.77 22.37
C UNK B 175 39.59 18.65 21.87
N UNK B 176 39.23 19.64 21.05
CA UNK B 176 40.17 20.58 20.46
C UNK B 176 39.99 22.01 20.97
N UNK B 177 41.07 22.78 20.95
CA UNK B 177 41.04 24.17 21.41
C UNK B 177 39.91 24.98 20.76
N UNK B 178 40.00 25.20 19.46
CA UNK B 178 38.98 25.96 18.73
C UNK B 178 37.59 25.41 19.03
N UNK B 179 37.48 24.11 19.19
CA UNK B 179 36.21 23.46 19.48
C UNK B 179 35.69 23.89 20.86
N UNK B 180 36.60 24.38 21.71
CA UNK B 180 36.22 24.81 23.05
C UNK B 180 35.81 26.29 23.13
N UNK B 181 36.51 27.16 22.39
CA UNK B 181 36.17 28.58 22.40
C UNK B 181 34.75 28.75 21.87
N UNK B 182 34.21 27.65 21.32
CA UNK B 182 32.86 27.64 20.77
C UNK B 182 31.84 27.08 21.77
N UNK B 183 32.23 26.04 22.50
CA UNK B 183 31.36 25.43 23.49
C UNK B 183 31.38 26.26 24.78
N UNK B 184 32.58 26.50 25.32
CA UNK B 184 32.73 27.27 26.54
C UNK B 184 32.15 28.66 26.35
N UNK B 185 32.23 29.18 25.12
CA UNK B 185 31.71 30.50 24.81
C UNK B 185 30.28 30.42 24.27
N UNK B 186 29.36 29.96 25.11
CA UNK B 186 27.96 29.85 24.70
C UNK B 186 27.04 30.48 25.75
N UNK B 187 25.74 30.49 25.47
CA UNK B 187 24.77 31.08 26.38
C UNK B 187 24.94 30.55 27.80
N UNK B 194 30.39 30.44 35.16
CA UNK B 194 30.03 29.18 35.81
C UNK B 194 31.28 28.43 36.23
N UNK B 195 31.54 28.41 37.54
CA UNK B 195 32.71 27.75 38.10
C UNK B 195 33.05 26.46 37.35
N UNK B 196 32.04 25.64 37.08
CA UNK B 196 32.27 24.38 36.38
C UNK B 196 32.95 24.58 35.02
N UNK B 197 32.75 25.76 34.42
CA UNK B 197 33.35 26.08 33.12
C UNK B 197 34.84 26.28 33.28
N UNK B 198 35.21 27.18 34.19
CA UNK B 198 36.62 27.50 34.46
C UNK B 198 37.29 26.22 34.94
N UNK B 199 36.53 25.44 35.71
CA UNK B 199 37.03 24.17 36.21
C UNK B 199 37.26 23.30 34.98
N UNK B 200 36.25 23.24 34.12
CA UNK B 200 36.30 22.45 32.89
C UNK B 200 37.54 22.73 32.05
N UNK B 201 37.77 24.00 31.75
CA UNK B 201 38.93 24.41 30.94
C UNK B 201 40.24 23.96 31.60
N UNK B 202 40.29 24.02 32.93
CA UNK B 202 41.47 23.59 33.70
C UNK B 202 41.42 22.08 33.75
N UNK B 203 40.19 21.56 33.77
CA UNK B 203 39.95 20.12 33.80
C UNK B 203 40.17 19.59 32.39
N UNK B 204 40.63 20.48 31.51
CA UNK B 204 40.91 20.12 30.11
C UNK B 204 42.43 20.03 29.91
N UNK B 205 43.18 20.84 30.67
CA UNK B 205 44.63 20.85 30.58
C UNK B 205 45.23 19.55 31.11
N UNK B 206 45.57 18.64 30.19
CA UNK B 206 46.14 17.36 30.57
C UNK B 206 47.67 17.42 30.56
N UNK B 207 48.23 18.05 29.53
CA UNK B 207 49.68 18.21 29.38
C UNK B 207 50.16 17.51 28.11
N LYS B 213 51.07 21.65 29.01
CA LYS B 213 50.01 22.67 29.00
C LYS B 213 50.58 24.07 28.71
N VAL B 214 49.95 24.78 27.79
CA VAL B 214 50.40 26.13 27.41
C VAL B 214 49.25 27.14 27.30
N HIS B 215 48.16 26.89 28.02
CA HIS B 215 47.01 27.78 28.01
C HIS B 215 46.74 28.36 29.39
N LYS B 217 48.23 30.39 31.51
CA LYS B 217 48.33 31.84 31.68
C LYS B 217 47.00 32.52 31.34
N ASP B 218 46.35 32.09 30.25
CA ASP B 218 45.08 32.67 29.84
C ASP B 218 43.97 32.35 30.82
N VAL B 219 44.06 31.19 31.46
CA VAL B 219 43.07 30.78 32.44
C VAL B 219 43.24 31.59 33.71
N SER B 221 44.93 34.36 34.23
CA SER B 221 44.65 35.76 33.92
C SER B 221 43.15 35.96 33.92
N ALA B 222 42.46 35.10 33.19
CA ALA B 222 41.01 35.15 33.09
C ALA B 222 40.41 35.05 34.49
N LEU B 223 40.71 33.94 35.16
CA LEU B 223 40.22 33.69 36.51
C LEU B 223 40.35 34.93 37.37
N TRP B 224 41.53 35.53 37.36
CA TRP B 224 41.79 36.73 38.15
C TRP B 224 40.75 37.82 37.82
N VAL B 225 40.74 38.26 36.57
CA VAL B 225 39.82 39.30 36.12
C VAL B 225 38.40 38.93 36.48
N SER B 226 38.07 37.66 36.35
CA SER B 226 36.73 37.19 36.67
C SER B 226 36.52 37.07 38.17
N GLY B 227 37.58 36.75 38.90
CA GLY B 227 37.50 36.60 40.35
C GLY B 227 36.98 35.23 40.74
N SER B 230 38.36 29.63 42.09
CA SER B 230 38.26 28.21 41.77
C SER B 230 39.07 27.41 42.76
N SER B 231 38.39 26.56 43.53
CA SER B 231 39.07 25.75 44.52
C SER B 231 39.54 24.43 43.91
N TYR B 232 39.21 24.21 42.64
CA TYR B 232 39.64 23.00 41.97
C TYR B 232 41.13 23.16 41.73
N LEU B 233 41.47 24.21 40.99
CA LEU B 233 42.87 24.49 40.66
C LEU B 233 43.68 24.59 41.95
N ARG B 234 43.13 25.31 42.92
CA ARG B 234 43.82 25.44 44.19
C ARG B 234 44.12 24.04 44.71
N GLU B 235 43.10 23.19 44.70
CA GLU B 235 43.22 21.80 45.19
C GLU B 235 44.21 20.99 44.38
N GLN B 236 44.25 21.22 43.07
CA GLN B 236 45.15 20.50 42.17
C GLN B 236 46.59 20.86 42.48
N LEU B 238 48.19 21.22 45.37
CA LEU B 238 48.79 20.39 46.40
C LEU B 238 48.92 18.92 46.00
N ASN B 239 48.23 18.52 44.96
CA ASN B 239 48.27 17.14 44.48
C ASN B 239 49.10 17.00 43.21
N GLU B 240 49.01 17.99 42.33
CA GLU B 240 49.75 18.04 41.09
C GLU B 240 51.25 17.93 41.36
N PRO B 241 52.04 17.64 40.31
CA PRO B 241 53.49 17.48 40.39
C PRO B 241 54.03 17.75 41.79
#